data_9F4Z
#
_entry.id   9F4Z
#
_cell.length_a   38.020
_cell.length_b   43.959
_cell.length_c   55.922
_cell.angle_alpha   90.000
_cell.angle_beta   94.230
_cell.angle_gamma   90.000
#
_symmetry.space_group_name_H-M   'P 1 21 1'
#
loop_
_entity.id
_entity.type
_entity.pdbx_description
1 polymer 'Heterogeneous nuclear ribonucleoprotein A1, N-terminally processed'
2 non-polymer N-(2-hydroxyphenyl)acetamide
3 water water
#
_entity_poly.entity_id   1
_entity_poly.type   'polypeptide(L)'
_entity_poly.pdbx_seq_one_letter_code
;GPMGSKSESPKEPEQLRKLFIGGLSFETTDESLRSHFEQWGTLTDCVVMRDPNTKRSRGFGFVTYATVEEVDAAMNARPH
KVDGRVVEPKRAVSREDSQRPGAHLTVKKIFVGGIKEDTEEHHLRDYFEQYGKIEVIEIMTDRGSGKKRGFAFVTFDDHD
SVDKIVIQKYHTVNGHNCEVRKALSKQEMASASSSQRG
;
_entity_poly.pdbx_strand_id   A
#
loop_
_chem_comp.id
_chem_comp.type
_chem_comp.name
_chem_comp.formula
9KS non-polymer N-(2-hydroxyphenyl)acetamide 'C8 H9 N O2'
#
# COMPACT_ATOMS: atom_id res chain seq x y z
N PRO A 10 11.44 19.18 4.68
CA PRO A 10 10.69 19.49 3.46
C PRO A 10 9.60 18.48 3.15
N LYS A 11 9.01 18.59 1.95
CA LYS A 11 7.84 17.82 1.58
C LYS A 11 8.22 16.39 1.21
N GLU A 12 7.35 15.44 1.56
CA GLU A 12 7.55 14.07 1.16
C GLU A 12 7.53 13.99 -0.37
N PRO A 13 8.27 13.06 -0.98
CA PRO A 13 8.20 12.92 -2.44
C PRO A 13 6.77 12.74 -2.93
N GLU A 14 6.46 13.42 -4.04
CA GLU A 14 5.09 13.41 -4.56
C GLU A 14 4.60 12.01 -4.84
N GLN A 15 5.48 11.13 -5.33
CA GLN A 15 5.05 9.77 -5.66
C GLN A 15 4.46 9.07 -4.44
N LEU A 16 4.94 9.40 -3.25
CA LEU A 16 4.47 8.74 -2.05
C LEU A 16 3.21 9.38 -1.50
N ARG A 17 2.72 10.42 -2.15
CA ARG A 17 1.53 11.14 -1.71
C ARG A 17 0.36 10.92 -2.65
N LYS A 18 0.54 10.03 -3.61
CA LYS A 18 -0.49 9.86 -4.66
C LYS A 18 -1.30 8.61 -4.42
N LEU A 19 -2.58 8.68 -4.77
CA LEU A 19 -3.40 7.46 -4.72
C LEU A 19 -4.04 7.24 -6.08
N PHE A 20 -3.81 6.07 -6.66
N PHE A 20 -3.82 6.06 -6.65
CA PHE A 20 -4.49 5.73 -7.93
CA PHE A 20 -4.48 5.73 -7.93
C PHE A 20 -5.87 5.23 -7.52
C PHE A 20 -5.86 5.22 -7.56
N ILE A 21 -6.91 5.74 -8.21
CA ILE A 21 -8.30 5.36 -7.84
C ILE A 21 -8.90 4.62 -9.02
N GLY A 22 -9.07 3.31 -8.84
CA GLY A 22 -9.69 2.53 -9.90
C GLY A 22 -11.17 2.33 -9.66
N GLY A 23 -11.85 1.88 -10.70
CA GLY A 23 -13.28 1.57 -10.56
C GLY A 23 -14.18 2.79 -10.45
N LEU A 24 -13.77 3.89 -11.05
CA LEU A 24 -14.60 5.08 -11.02
C LEU A 24 -15.90 4.88 -11.78
N SER A 25 -16.95 5.50 -11.28
CA SER A 25 -18.11 5.73 -12.13
C SER A 25 -17.70 6.62 -13.30
N PHE A 26 -18.21 6.32 -14.49
CA PHE A 26 -17.90 7.16 -15.64
C PHE A 26 -18.45 8.57 -15.49
N GLU A 27 -19.37 8.80 -14.53
CA GLU A 27 -19.86 10.16 -14.29
C GLU A 27 -18.96 10.96 -13.37
N THR A 28 -17.99 10.33 -12.71
CA THR A 28 -17.10 11.07 -11.82
C THR A 28 -16.21 12.03 -12.59
N THR A 29 -16.07 13.25 -12.07
CA THR A 29 -15.31 14.32 -12.71
C THR A 29 -14.14 14.70 -11.82
N ASP A 30 -13.23 15.51 -12.36
CA ASP A 30 -12.18 16.07 -11.51
C ASP A 30 -12.80 16.68 -10.28
N GLU A 31 -13.89 17.42 -10.47
CA GLU A 31 -14.49 18.15 -9.36
C GLU A 31 -15.15 17.21 -8.35
N SER A 32 -15.86 16.19 -8.81
CA SER A 32 -16.53 15.33 -7.84
C SER A 32 -15.56 14.38 -7.15
N LEU A 33 -14.49 13.98 -7.85
CA LEU A 33 -13.45 13.20 -7.20
C LEU A 33 -12.76 14.03 -6.12
N ARG A 34 -12.51 15.30 -6.42
CA ARG A 34 -11.89 16.20 -5.45
C ARG A 34 -12.80 16.44 -4.24
N SER A 35 -14.08 16.73 -4.49
CA SER A 35 -14.99 16.95 -3.36
C SER A 35 -15.03 15.75 -2.44
N HIS A 36 -14.92 14.54 -2.98
CA HIS A 36 -14.93 13.37 -2.13
C HIS A 36 -13.64 13.25 -1.33
N PHE A 37 -12.49 13.24 -2.02
CA PHE A 37 -11.25 12.92 -1.30
C PHE A 37 -10.67 14.08 -0.51
N GLU A 38 -11.16 15.31 -0.70
CA GLU A 38 -10.72 16.41 0.16
C GLU A 38 -11.21 16.23 1.59
N GLN A 39 -12.10 15.28 1.84
CA GLN A 39 -12.51 15.02 3.21
C GLN A 39 -11.35 14.56 4.09
N TRP A 40 -10.32 13.95 3.47
CA TRP A 40 -9.22 13.39 4.27
C TRP A 40 -7.91 14.13 4.09
N GLY A 41 -7.89 15.27 3.43
CA GLY A 41 -6.68 16.06 3.40
C GLY A 41 -6.71 17.07 2.27
N THR A 42 -5.66 17.88 2.26
CA THR A 42 -5.45 18.84 1.18
C THR A 42 -5.01 18.11 -0.08
N LEU A 43 -5.73 18.31 -1.19
CA LEU A 43 -5.38 17.71 -2.47
C LEU A 43 -4.63 18.73 -3.33
N THR A 44 -3.37 18.41 -3.64
CA THR A 44 -2.59 19.23 -4.55
C THR A 44 -2.82 18.87 -6.02
N ASP A 45 -3.40 17.72 -6.29
CA ASP A 45 -3.74 17.31 -7.65
C ASP A 45 -4.92 16.35 -7.57
N CYS A 46 -5.76 16.36 -8.60
CA CYS A 46 -6.94 15.50 -8.67
C CYS A 46 -7.39 15.41 -10.13
N VAL A 47 -7.23 14.24 -10.74
CA VAL A 47 -7.52 14.10 -12.18
C VAL A 47 -8.27 12.81 -12.44
N VAL A 48 -9.30 12.88 -13.28
CA VAL A 48 -9.93 11.71 -13.88
C VAL A 48 -9.32 11.49 -15.25
N MET A 49 -8.85 10.26 -15.51
CA MET A 49 -8.29 9.97 -16.83
C MET A 49 -9.41 9.82 -17.84
N ARG A 50 -9.25 10.44 -19.01
CA ARG A 50 -10.28 10.41 -20.05
C ARG A 50 -9.66 10.07 -21.39
N ASP A 51 -10.50 9.55 -22.28
CA ASP A 51 -10.09 9.33 -23.66
C ASP A 51 -9.74 10.67 -24.32
N PRO A 52 -8.64 10.74 -25.08
CA PRO A 52 -8.26 12.01 -25.70
C PRO A 52 -9.23 12.51 -26.77
N ASN A 53 -9.98 11.63 -27.43
CA ASN A 53 -10.89 12.04 -28.48
C ASN A 53 -12.34 12.17 -27.99
N THR A 54 -12.84 11.22 -27.22
CA THR A 54 -14.25 11.25 -26.83
C THR A 54 -14.50 11.98 -25.53
N LYS A 55 -13.46 12.17 -24.70
CA LYS A 55 -13.56 12.68 -23.34
C LYS A 55 -14.31 11.72 -22.42
N ARG A 56 -14.64 10.51 -22.88
CA ARG A 56 -15.27 9.54 -22.00
C ARG A 56 -14.25 9.05 -20.97
N SER A 57 -14.68 8.98 -19.72
CA SER A 57 -13.84 8.48 -18.64
C SER A 57 -13.24 7.12 -18.95
N ARG A 58 -11.99 6.96 -18.55
CA ARG A 58 -11.31 5.67 -18.60
C ARG A 58 -11.59 4.85 -17.35
N GLY A 59 -12.38 5.37 -16.42
CA GLY A 59 -12.73 4.60 -15.24
C GLY A 59 -11.71 4.64 -14.13
N PHE A 60 -10.73 5.51 -14.25
CA PHE A 60 -9.78 5.64 -13.12
C PHE A 60 -9.19 7.03 -13.13
N GLY A 61 -8.53 7.31 -12.02
CA GLY A 61 -7.92 8.62 -11.89
C GLY A 61 -6.95 8.58 -10.73
N PHE A 62 -6.45 9.75 -10.35
N PHE A 62 -6.47 9.75 -10.34
CA PHE A 62 -5.50 9.81 -9.23
CA PHE A 62 -5.48 9.82 -9.23
C PHE A 62 -5.69 11.09 -8.42
C PHE A 62 -5.68 11.08 -8.43
N VAL A 63 -5.32 11.03 -7.15
CA VAL A 63 -5.40 12.24 -6.31
C VAL A 63 -4.01 12.33 -5.65
N THR A 64 -3.56 13.54 -5.41
CA THR A 64 -2.29 13.75 -4.70
C THR A 64 -2.57 14.56 -3.45
N TYR A 65 -2.21 14.00 -2.29
CA TYR A 65 -2.36 14.72 -1.04
C TYR A 65 -1.11 15.54 -0.71
N ALA A 66 -1.27 16.47 0.22
CA ALA A 66 -0.13 17.28 0.64
C ALA A 66 0.88 16.50 1.49
N THR A 67 0.42 15.46 2.19
CA THR A 67 1.28 14.70 3.09
C THR A 67 0.93 13.21 3.05
N VAL A 68 1.90 12.40 3.47
CA VAL A 68 1.68 10.96 3.57
C VAL A 68 0.64 10.63 4.63
N GLU A 69 0.61 11.38 5.75
CA GLU A 69 -0.42 11.12 6.75
C GLU A 69 -1.82 11.26 6.17
N GLU A 70 -2.01 12.19 5.22
CA GLU A 70 -3.32 12.32 4.60
C GLU A 70 -3.64 11.11 3.71
N VAL A 71 -2.65 10.56 2.99
CA VAL A 71 -2.87 9.33 2.25
C VAL A 71 -3.33 8.22 3.20
N ASP A 72 -2.62 8.07 4.32
CA ASP A 72 -3.02 7.10 5.34
C ASP A 72 -4.47 7.33 5.77
N ALA A 73 -4.84 8.57 6.04
CA ALA A 73 -6.20 8.87 6.46
C ALA A 73 -7.20 8.43 5.41
N ALA A 74 -6.89 8.71 4.15
CA ALA A 74 -7.78 8.30 3.08
C ALA A 74 -7.89 6.79 3.00
N MET A 75 -6.76 6.08 3.04
CA MET A 75 -6.87 4.62 3.01
C MET A 75 -7.54 4.05 4.24
N ASN A 76 -7.41 4.69 5.40
CA ASN A 76 -8.08 4.15 6.56
C ASN A 76 -9.59 4.38 6.50
N ALA A 77 -10.07 5.26 5.62
CA ALA A 77 -11.50 5.52 5.47
C ALA A 77 -12.16 4.67 4.38
N ARG A 78 -11.42 3.73 3.77
CA ARG A 78 -12.04 2.77 2.86
C ARG A 78 -13.08 1.94 3.61
N PRO A 79 -14.09 1.41 2.92
CA PRO A 79 -14.35 1.57 1.47
C PRO A 79 -14.87 2.95 1.13
N HIS A 80 -14.45 3.44 -0.02
CA HIS A 80 -14.89 4.73 -0.54
C HIS A 80 -15.96 4.53 -1.60
N LYS A 81 -17.13 5.10 -1.37
CA LYS A 81 -18.18 5.12 -2.38
C LYS A 81 -18.17 6.52 -3.00
N VAL A 82 -17.78 6.61 -4.26
CA VAL A 82 -17.62 7.89 -4.95
C VAL A 82 -18.67 7.94 -6.03
N ASP A 83 -19.55 8.93 -5.94
CA ASP A 83 -20.62 9.11 -6.92
C ASP A 83 -21.39 7.81 -7.10
N GLY A 84 -21.60 7.09 -5.98
CA GLY A 84 -22.45 5.91 -5.99
C GLY A 84 -21.75 4.60 -6.27
N ARG A 85 -20.45 4.60 -6.52
CA ARG A 85 -19.72 3.38 -6.85
C ARG A 85 -18.58 3.18 -5.87
N VAL A 86 -18.39 1.96 -5.37
CA VAL A 86 -17.24 1.69 -4.49
C VAL A 86 -16.00 1.62 -5.37
N VAL A 87 -15.01 2.47 -5.08
CA VAL A 87 -13.81 2.57 -5.91
C VAL A 87 -12.66 1.80 -5.26
N GLU A 88 -11.52 1.73 -5.94
CA GLU A 88 -10.38 0.93 -5.49
C GLU A 88 -9.14 1.80 -5.41
N PRO A 89 -8.85 2.39 -4.26
CA PRO A 89 -7.62 3.21 -4.13
C PRO A 89 -6.42 2.35 -3.85
N LYS A 90 -5.29 2.73 -4.45
CA LYS A 90 -4.03 2.05 -4.20
C LYS A 90 -2.92 3.09 -4.25
N ARG A 91 -1.92 2.95 -3.37
CA ARG A 91 -0.76 3.82 -3.45
C ARG A 91 -0.02 3.58 -4.77
N ALA A 92 0.62 4.65 -5.26
CA ALA A 92 1.35 4.60 -6.50
C ALA A 92 2.55 3.68 -6.39
N VAL A 93 2.88 3.01 -7.50
CA VAL A 93 4.06 2.16 -7.54
C VAL A 93 5.30 3.03 -7.36
N SER A 94 6.06 2.76 -6.30
CA SER A 94 7.28 3.56 -6.02
C SER A 94 8.51 2.76 -6.44
N ARG A 95 8.48 1.45 -6.26
CA ARG A 95 9.57 0.58 -6.78
C ARG A 95 8.86 -0.41 -7.70
N GLU A 96 9.24 -0.41 -8.97
CA GLU A 96 8.46 -1.25 -9.92
C GLU A 96 9.15 -2.58 -10.18
N ASP A 97 8.40 -3.51 -10.78
CA ASP A 97 9.00 -4.80 -11.23
C ASP A 97 9.52 -4.51 -12.63
N SER A 98 10.83 -4.62 -12.83
CA SER A 98 11.46 -4.29 -14.15
C SER A 98 10.71 -4.91 -15.33
N GLN A 99 10.04 -6.03 -15.11
CA GLN A 99 9.36 -6.75 -16.18
C GLN A 99 7.89 -6.34 -16.32
N ARG A 100 7.33 -5.68 -15.30
CA ARG A 100 5.97 -5.14 -15.34
C ARG A 100 5.96 -3.68 -14.92
N PRO A 101 6.59 -2.80 -15.69
CA PRO A 101 6.71 -1.40 -15.27
C PRO A 101 5.36 -0.74 -15.12
N GLY A 102 5.19 -0.01 -14.02
CA GLY A 102 3.95 0.70 -13.78
C GLY A 102 2.80 -0.13 -13.29
N ALA A 103 3.00 -1.44 -13.07
CA ALA A 103 1.96 -2.32 -12.56
C ALA A 103 2.10 -2.48 -11.06
N HIS A 104 0.99 -2.30 -10.34
CA HIS A 104 0.94 -2.55 -8.91
C HIS A 104 0.82 -4.05 -8.67
N LEU A 105 1.72 -4.59 -7.85
CA LEU A 105 1.67 -5.99 -7.44
C LEU A 105 0.90 -6.03 -6.13
N THR A 106 -0.40 -6.32 -6.22
CA THR A 106 -1.32 -6.15 -5.09
C THR A 106 -1.37 -7.42 -4.27
N VAL A 107 -0.59 -7.47 -3.19
CA VAL A 107 -0.50 -8.66 -2.38
C VAL A 107 -0.66 -8.28 -0.92
N LYS A 108 -0.97 -9.29 -0.10
CA LYS A 108 -1.23 -9.10 1.31
C LYS A 108 -0.13 -9.71 2.19
N LYS A 109 0.94 -10.22 1.59
CA LYS A 109 1.95 -10.97 2.32
C LYS A 109 3.32 -10.37 2.06
N ILE A 110 4.16 -10.34 3.10
CA ILE A 110 5.54 -9.91 2.98
C ILE A 110 6.47 -11.02 3.41
N PHE A 111 7.64 -11.01 2.77
CA PHE A 111 8.83 -11.71 3.22
C PHE A 111 9.62 -10.79 4.15
N VAL A 112 10.07 -11.34 5.28
CA VAL A 112 10.87 -10.61 6.26
C VAL A 112 12.15 -11.40 6.46
N GLY A 113 13.28 -10.86 6.00
CA GLY A 113 14.52 -11.60 6.13
C GLY A 113 15.53 -10.91 7.02
N GLY A 114 16.51 -11.67 7.49
CA GLY A 114 17.55 -11.12 8.36
C GLY A 114 17.21 -11.12 9.82
N ILE A 115 16.23 -11.93 10.25
CA ILE A 115 15.78 -11.92 11.63
C ILE A 115 16.54 -12.92 12.49
N LYS A 116 17.43 -13.71 11.90
CA LYS A 116 18.31 -14.60 12.62
C LYS A 116 17.52 -15.66 13.38
N GLU A 117 18.14 -16.27 14.38
CA GLU A 117 17.53 -17.38 15.10
C GLU A 117 16.81 -16.94 16.38
N ASP A 118 16.97 -15.70 16.81
CA ASP A 118 16.40 -15.27 18.10
C ASP A 118 15.09 -14.49 17.96
N THR A 119 14.61 -14.27 16.74
CA THR A 119 13.39 -13.50 16.54
C THR A 119 12.19 -14.43 16.61
N GLU A 120 11.19 -14.03 17.39
CA GLU A 120 10.02 -14.85 17.67
C GLU A 120 8.76 -14.17 17.13
N GLU A 121 7.64 -14.86 17.28
CA GLU A 121 6.39 -14.38 16.68
C GLU A 121 5.98 -13.04 17.28
N HIS A 122 6.12 -12.88 18.60
CA HIS A 122 5.66 -11.65 19.21
C HIS A 122 6.51 -10.46 18.78
N HIS A 123 7.78 -10.67 18.44
CA HIS A 123 8.60 -9.59 17.90
C HIS A 123 8.00 -9.06 16.61
N LEU A 124 7.66 -9.99 15.71
CA LEU A 124 7.11 -9.58 14.42
C LEU A 124 5.72 -8.98 14.59
N ARG A 125 4.90 -9.56 15.47
CA ARG A 125 3.55 -9.04 15.63
C ARG A 125 3.58 -7.65 16.23
N ASP A 126 4.40 -7.43 17.28
CA ASP A 126 4.41 -6.14 17.94
C ASP A 126 4.86 -5.04 16.98
N TYR A 127 5.78 -5.37 16.08
CA TYR A 127 6.23 -4.38 15.11
C TYR A 127 5.22 -4.18 13.98
N PHE A 128 4.81 -5.26 13.33
CA PHE A 128 4.03 -5.09 12.11
C PHE A 128 2.56 -4.80 12.35
N GLU A 129 2.05 -5.01 13.57
CA GLU A 129 0.62 -4.76 13.81
C GLU A 129 0.28 -3.29 13.64
N GLN A 130 1.26 -2.40 13.72
CA GLN A 130 0.96 -0.99 13.51
C GLN A 130 0.86 -0.62 12.04
N TYR A 131 1.17 -1.55 11.13
CA TYR A 131 0.95 -1.33 9.70
C TYR A 131 -0.38 -1.87 9.22
N GLY A 132 -0.94 -2.86 9.91
CA GLY A 132 -2.21 -3.40 9.46
C GLY A 132 -2.56 -4.60 10.31
N LYS A 133 -3.74 -5.15 10.02
CA LYS A 133 -4.26 -6.25 10.81
C LYS A 133 -3.59 -7.54 10.31
N ILE A 134 -2.91 -8.24 11.22
CA ILE A 134 -2.16 -9.44 10.85
C ILE A 134 -3.06 -10.66 10.95
N GLU A 135 -3.04 -11.50 9.90
CA GLU A 135 -3.74 -12.77 9.96
C GLU A 135 -2.83 -13.97 10.17
N VAL A 136 -1.62 -13.97 9.61
CA VAL A 136 -0.71 -15.12 9.72
C VAL A 136 0.71 -14.64 9.93
N ILE A 137 1.42 -15.24 10.89
CA ILE A 137 2.87 -15.06 11.00
C ILE A 137 3.51 -16.43 10.88
N GLU A 138 4.41 -16.58 9.93
CA GLU A 138 5.09 -17.85 9.68
C GLU A 138 6.59 -17.65 9.82
N ILE A 139 7.15 -18.07 10.96
CA ILE A 139 8.59 -18.04 11.17
C ILE A 139 9.16 -19.33 10.59
N MET A 140 10.11 -19.20 9.68
CA MET A 140 10.46 -20.35 8.87
C MET A 140 11.53 -21.17 9.57
N THR A 141 11.35 -22.49 9.55
CA THR A 141 12.26 -23.39 10.23
C THR A 141 12.75 -24.44 9.26
N ASP A 142 13.88 -25.04 9.60
CA ASP A 142 14.48 -26.02 8.71
C ASP A 142 13.68 -27.32 8.75
N ARG A 143 13.39 -27.85 7.56
CA ARG A 143 12.57 -29.05 7.41
C ARG A 143 13.19 -30.26 8.09
N GLY A 144 14.51 -30.30 8.19
CA GLY A 144 15.16 -31.44 8.80
C GLY A 144 15.41 -31.31 10.28
N SER A 145 15.88 -30.14 10.72
CA SER A 145 16.31 -29.93 12.09
C SER A 145 15.34 -29.13 12.94
N GLY A 146 14.43 -28.40 12.33
CA GLY A 146 13.56 -27.52 13.08
C GLY A 146 14.19 -26.21 13.51
N LYS A 147 15.45 -25.99 13.17
CA LYS A 147 16.11 -24.74 13.54
C LYS A 147 15.52 -23.58 12.74
N LYS A 148 15.49 -22.41 13.36
CA LYS A 148 15.00 -21.25 12.64
C LYS A 148 15.96 -20.90 11.51
N ARG A 149 15.39 -20.52 10.36
CA ARG A 149 16.20 -20.21 9.19
C ARG A 149 16.52 -18.74 9.04
N GLY A 150 15.93 -17.87 9.86
CA GLY A 150 16.24 -16.46 9.80
C GLY A 150 15.37 -15.65 8.87
N PHE A 151 14.19 -16.14 8.52
CA PHE A 151 13.23 -15.33 7.76
C PHE A 151 11.82 -15.78 8.09
N ALA A 152 10.86 -14.96 7.68
CA ALA A 152 9.48 -15.17 8.08
C ALA A 152 8.57 -14.58 7.00
N PHE A 153 7.31 -14.98 7.02
CA PHE A 153 6.28 -14.35 6.20
C PHE A 153 5.17 -13.82 7.11
N VAL A 154 4.68 -12.63 6.81
CA VAL A 154 3.56 -12.03 7.54
C VAL A 154 2.45 -11.76 6.53
N THR A 155 1.25 -12.24 6.82
CA THR A 155 0.08 -12.03 5.97
C THR A 155 -0.89 -11.11 6.67
N PHE A 156 -1.29 -10.05 5.99
CA PHE A 156 -2.23 -9.07 6.50
C PHE A 156 -3.60 -9.26 5.87
N ASP A 157 -4.58 -8.54 6.40
CA ASP A 157 -5.92 -8.66 5.84
C ASP A 157 -6.16 -7.75 4.64
N ASP A 158 -5.15 -6.99 4.22
CA ASP A 158 -5.35 -6.00 3.17
C ASP A 158 -4.00 -5.55 2.64
N HIS A 159 -4.00 -5.14 1.37
CA HIS A 159 -2.75 -4.86 0.67
C HIS A 159 -2.11 -3.55 1.09
N ASP A 160 -2.86 -2.59 1.67
CA ASP A 160 -2.24 -1.29 1.92
C ASP A 160 -1.18 -1.39 3.01
N SER A 161 -1.37 -2.28 3.98
N SER A 161 -1.36 -2.32 3.94
CA SER A 161 -0.32 -2.53 4.96
CA SER A 161 -0.35 -2.58 4.96
C SER A 161 1.00 -2.87 4.29
C SER A 161 0.98 -2.91 4.32
N VAL A 162 0.97 -3.80 3.34
CA VAL A 162 2.17 -4.19 2.62
C VAL A 162 2.76 -3.01 1.87
N ASP A 163 1.90 -2.24 1.20
CA ASP A 163 2.39 -1.10 0.45
C ASP A 163 3.10 -0.11 1.37
N LYS A 164 2.52 0.18 2.54
CA LYS A 164 3.20 1.06 3.49
C LYS A 164 4.54 0.49 3.92
N ILE A 165 4.58 -0.83 4.13
CA ILE A 165 5.79 -1.46 4.63
C ILE A 165 6.92 -1.38 3.62
N VAL A 166 6.64 -1.70 2.35
CA VAL A 166 7.75 -1.84 1.41
C VAL A 166 8.23 -0.50 0.89
N ILE A 167 7.53 0.57 1.22
CA ILE A 167 7.92 1.93 0.85
C ILE A 167 9.01 2.43 1.79
N GLN A 168 9.05 1.91 3.01
CA GLN A 168 10.04 2.36 4.00
C GLN A 168 11.44 1.93 3.59
N LYS A 169 12.42 2.80 3.85
CA LYS A 169 13.80 2.42 3.57
C LYS A 169 14.32 1.37 4.54
N TYR A 170 13.84 1.37 5.79
CA TYR A 170 14.40 0.55 6.86
C TYR A 170 13.31 -0.11 7.69
N HIS A 171 13.61 -1.31 8.19
CA HIS A 171 12.78 -1.96 9.20
C HIS A 171 13.68 -2.58 10.24
N THR A 172 13.50 -2.19 11.50
CA THR A 172 14.26 -2.73 12.62
C THR A 172 13.31 -3.55 13.47
N VAL A 173 13.60 -4.84 13.58
CA VAL A 173 12.79 -5.78 14.35
C VAL A 173 13.72 -6.60 15.23
N ASN A 174 13.48 -6.58 16.53
CA ASN A 174 14.28 -7.34 17.49
C ASN A 174 15.75 -6.96 17.36
N GLY A 175 16.00 -5.68 17.11
CA GLY A 175 17.35 -5.17 16.92
C GLY A 175 18.00 -5.51 15.59
N HIS A 176 17.33 -6.24 14.70
CA HIS A 176 17.91 -6.64 13.43
C HIS A 176 17.46 -5.67 12.35
N ASN A 177 18.39 -5.33 11.44
CA ASN A 177 18.08 -4.59 10.22
C ASN A 177 17.53 -5.57 9.20
N CYS A 178 16.24 -5.48 8.90
CA CYS A 178 15.54 -6.52 8.16
C CYS A 178 15.33 -6.13 6.70
N GLU A 179 15.32 -7.15 5.85
CA GLU A 179 14.97 -7.03 4.44
C GLU A 179 13.51 -7.40 4.28
N VAL A 180 12.69 -6.52 3.71
CA VAL A 180 11.27 -6.80 3.59
C VAL A 180 10.87 -6.61 2.14
N ARG A 181 10.13 -7.58 1.60
CA ARG A 181 9.61 -7.41 0.26
C ARG A 181 8.26 -8.08 0.13
N LYS A 182 7.55 -7.68 -0.91
CA LYS A 182 6.29 -8.34 -1.26
C LYS A 182 6.55 -9.81 -1.57
N ALA A 183 5.63 -10.66 -1.13
CA ALA A 183 5.75 -12.11 -1.33
C ALA A 183 4.54 -12.63 -2.11
N LEU A 184 4.83 -13.52 -3.07
CA LEU A 184 3.86 -14.15 -3.98
C LEU A 184 2.73 -13.22 -4.36
N1 9KS B . 5.25 -1.54 -6.14
C4 9KS B . 3.34 -0.44 -5.02
C5 9KS B . 2.88 0.36 -4.00
C6 9KS B . 3.75 0.87 -3.07
C7 9KS B . 5.10 0.60 -3.17
C8 9KS B . 5.59 -0.21 -4.19
C1 9KS B . 5.63 -3.40 -7.63
C2 9KS B . 4.72 -2.66 -6.69
O1 9KS B . 3.59 -3.06 -6.47
C3 9KS B . 4.69 -0.73 -5.12
O2 9KS B . 6.89 -0.50 -4.32
#